data_6N48
#
_entry.id   6N48
#
_cell.length_a   49.150
_cell.length_b   66.060
_cell.length_c   303.510
_cell.angle_alpha   90.00
_cell.angle_beta   90.00
_cell.angle_gamma   90.00
#
_symmetry.space_group_name_H-M   'P 21 21 21'
#
loop_
_entity.id
_entity.type
_entity.pdbx_description
1 polymer 'Endolysin,Beta-2 adrenergic receptor,Beta-2 adrenergic receptor chimera'
2 polymer 'Camelid Antibody Fragment'
3 non-polymer 8-[(1R)-2-{[1,1-dimethyl-2-(2-methylphenyl)ethyl]amino}-1-hydroxyethyl]-5-hydroxy-2H-1,4-benzoxazin-3(4H)-one
4 non-polymer '(2S)-2,3-dihydroxypropyl (7Z)-tetradec-7-enoate'
5 non-polymer N-[(3R)-4-(4-tert-butylphenyl)-3-({2-[(4-methoxyphenyl)sulfanyl]-5-[methyl(propan-2-yl)sulfamoyl]benzene-1-carbonyl}amino)butanoyl]glycine
#
loop_
_entity_poly.entity_id
_entity_poly.type
_entity_poly.pdbx_seq_one_letter_code
_entity_poly.pdbx_strand_id
1 'polypeptide(L)'
;DYKDDDDAENLYFQGNIFEMLRIDEGLRLKIYKDTEGYYTIGIGHLLTKSPSLNAAKSELDKAIGRNTNGVITKDEAEKL
FNQDVDAAVRGILRNAKLKPVYDSLDAVRRAALINMVFQMGETGVAGFTNSLRMLQQKRWDEAAVNLAKSRWYNQTPNRA
KRVITTFRTGTWDAYAADEVWVVGMGIVMSLIVLAIVFGNVLVITAIAKFERLQTVTNYFITSLACADLVMGLAVVPFGA
AHILTKTWTFGNFWCEFWTSIDVLCVTASIETLCVIAVDRYFAITSPFKYQSLLTKNKARVIILMVWIVSGLTSFLPIQM
HWYRATHQEAINCYAEETCCDFFTNQAYAIASSIVSFYVPLVIMVFVYSRVFQEAKRQLQKIDKFALKEHKALKTLGIIM
GTFTLCWLPFFIVNIVHVIQDNLIRKEVYILLNWIGYVNSGFNPLIYCRSPDFRIAFQELLCLRRSSLK
;
A
2 'polypeptide(L)'
;QVQLQESGGGLVQAGGSLRLSCAASGSIFALNIMGWYRQAPGKQRELVAAIHSGGTTNYANSVKGRFTISRDNAANTVYL
QMNSLKPEDTAVYYCNVKDFGAIIYDYDYWGQGTQVTVSS
;
B
#
loop_
_chem_comp.id
_chem_comp.type
_chem_comp.name
_chem_comp.formula
1WV non-polymer '(2S)-2,3-dihydroxypropyl (7Z)-tetradec-7-enoate' 'C17 H32 O4'
KBY non-polymer N-[(3R)-4-(4-tert-butylphenyl)-3-({2-[(4-methoxyphenyl)sulfanyl]-5-[methyl(propan-2-yl)sulfamoyl]benzene-1-carbonyl}amino)butanoyl]glycine 'C34 H43 N3 O7 S2'
P0G non-polymer 8-[(1R)-2-{[1,1-dimethyl-2-(2-methylphenyl)ethyl]amino}-1-hydroxyethyl]-5-hydroxy-2H-1,4-benzoxazin-3(4H)-one 'C21 H26 N2 O4'
#
# COMPACT_ATOMS: atom_id res chain seq x y z
N ASP A 7 -30.91 -31.35 -11.78
CA ASP A 7 -30.99 -30.15 -10.96
C ASP A 7 -30.31 -28.97 -11.67
N ALA A 8 -29.19 -29.26 -12.31
CA ALA A 8 -28.47 -28.28 -13.13
C ALA A 8 -28.06 -27.05 -12.31
N GLU A 9 -27.84 -27.24 -11.01
CA GLU A 9 -27.42 -26.13 -10.15
C GLU A 9 -25.93 -26.23 -9.88
N ASN A 10 -25.14 -25.78 -10.85
CA ASN A 10 -23.75 -25.41 -10.62
C ASN A 10 -23.72 -23.89 -10.69
N LEU A 11 -24.11 -23.27 -9.59
CA LEU A 11 -24.11 -21.84 -9.41
C LEU A 11 -23.68 -21.57 -7.97
N TYR A 12 -23.19 -20.37 -7.72
CA TYR A 12 -22.33 -20.18 -6.57
C TYR A 12 -23.14 -19.93 -5.30
N PHE A 13 -22.71 -20.58 -4.22
CA PHE A 13 -23.46 -20.77 -2.98
C PHE A 13 -24.76 -21.55 -3.21
N GLN A 14 -24.59 -22.83 -3.53
CA GLN A 14 -25.64 -23.80 -3.30
C GLN A 14 -25.95 -23.86 -1.81
N GLY A 15 -27.23 -23.78 -1.45
CA GLY A 15 -27.56 -23.84 -0.04
C GLY A 15 -27.52 -25.25 0.51
N ASN A 16 -26.49 -25.59 1.28
CA ASN A 16 -26.37 -26.93 1.85
C ASN A 16 -25.55 -26.86 3.14
N ILE A 17 -25.48 -28.00 3.82
CA ILE A 17 -24.83 -28.06 5.13
C ILE A 17 -23.32 -27.89 5.01
N PHE A 18 -22.73 -28.39 3.93
CA PHE A 18 -21.27 -28.32 3.79
C PHE A 18 -20.79 -26.88 3.70
N GLU A 19 -21.42 -26.08 2.85
CA GLU A 19 -21.05 -24.67 2.76
C GLU A 19 -21.49 -23.91 4.00
N MET A 20 -22.49 -24.41 4.72
CA MET A 20 -22.97 -23.74 5.92
C MET A 20 -21.96 -23.84 7.06
N LEU A 21 -21.40 -25.03 7.26
CA LEU A 21 -20.48 -25.23 8.38
C LEU A 21 -19.11 -24.61 8.11
N ARG A 22 -18.66 -24.63 6.86
CA ARG A 22 -17.37 -24.04 6.53
C ARG A 22 -17.34 -22.55 6.82
N ILE A 23 -18.44 -21.85 6.56
CA ILE A 23 -18.52 -20.45 6.92
C ILE A 23 -18.47 -20.28 8.44
N ASP A 24 -19.09 -21.20 9.17
CA ASP A 24 -19.14 -21.10 10.63
C ASP A 24 -17.81 -21.50 11.27
N GLU A 25 -17.25 -22.63 10.85
CA GLU A 25 -16.03 -23.14 11.47
C GLU A 25 -14.77 -22.52 10.83
N GLY A 26 -14.58 -22.74 9.53
CA GLY A 26 -13.42 -22.22 8.85
C GLY A 26 -12.30 -23.24 8.73
N LEU A 27 -11.60 -23.22 7.60
CA LEU A 27 -10.51 -24.16 7.35
C LEU A 27 -9.25 -23.66 8.03
N ARG A 28 -8.80 -24.37 9.05
CA ARG A 28 -7.53 -24.11 9.73
C ARG A 28 -6.72 -25.40 9.74
N LEU A 29 -5.56 -25.38 9.09
CA LEU A 29 -4.77 -26.60 8.92
C LEU A 29 -3.87 -26.91 10.13
N LYS A 30 -3.87 -26.07 11.15
CA LYS A 30 -3.10 -26.31 12.36
C LYS A 30 -4.04 -26.44 13.55
N ILE A 31 -3.60 -27.19 14.57
CA ILE A 31 -4.37 -27.30 15.79
C ILE A 31 -4.56 -25.93 16.40
N TYR A 32 -5.79 -25.62 16.80
CA TYR A 32 -6.13 -24.35 17.39
C TYR A 32 -7.17 -24.57 18.49
N LYS A 33 -7.25 -23.60 19.40
CA LYS A 33 -8.19 -23.65 20.49
C LYS A 33 -9.43 -22.83 20.14
N ASP A 34 -10.60 -23.43 20.29
CA ASP A 34 -11.85 -22.82 19.86
C ASP A 34 -12.30 -21.79 20.89
N THR A 35 -13.53 -21.30 20.75
CA THR A 35 -14.06 -20.32 21.69
C THR A 35 -14.10 -20.89 23.11
N GLU A 36 -14.46 -22.16 23.25
CA GLU A 36 -14.59 -22.75 24.57
C GLU A 36 -13.22 -23.00 25.20
N GLY A 37 -12.20 -23.23 24.39
CA GLY A 37 -10.87 -23.54 24.84
C GLY A 37 -10.37 -24.91 24.46
N TYR A 38 -11.22 -25.77 23.90
CA TYR A 38 -10.82 -27.11 23.52
C TYR A 38 -9.95 -27.07 22.26
N TYR A 39 -9.14 -28.11 22.09
CA TYR A 39 -8.25 -28.21 20.95
C TYR A 39 -9.04 -28.68 19.73
N THR A 40 -9.00 -27.88 18.67
CA THR A 40 -9.75 -28.14 17.44
C THR A 40 -8.82 -27.99 16.25
N ILE A 41 -9.08 -28.77 15.19
CA ILE A 41 -8.27 -28.71 13.99
C ILE A 41 -9.19 -28.84 12.78
N GLY A 42 -8.68 -28.43 11.63
CA GLY A 42 -9.41 -28.59 10.39
C GLY A 42 -10.63 -27.68 10.38
N ILE A 43 -11.80 -28.29 10.24
CA ILE A 43 -13.07 -27.57 10.21
C ILE A 43 -13.88 -28.07 11.39
N GLY A 44 -13.72 -27.41 12.54
CA GLY A 44 -14.49 -27.76 13.73
C GLY A 44 -14.30 -29.16 14.25
N HIS A 45 -13.22 -29.83 13.89
CA HIS A 45 -12.98 -31.20 14.36
C HIS A 45 -12.38 -31.15 15.76
N LEU A 46 -13.10 -31.71 16.73
CA LEU A 46 -12.73 -31.65 18.13
C LEU A 46 -11.78 -32.80 18.43
N LEU A 47 -10.50 -32.48 18.64
CA LEU A 47 -9.49 -33.53 18.86
C LEU A 47 -9.70 -34.23 20.20
N THR A 48 -9.88 -33.45 21.26
CA THR A 48 -10.07 -34.02 22.59
C THR A 48 -10.63 -32.95 23.50
N LYS A 49 -11.22 -33.40 24.60
CA LYS A 49 -11.67 -32.52 25.66
C LYS A 49 -10.60 -32.32 26.74
N SER A 50 -9.39 -32.83 26.51
CA SER A 50 -8.26 -32.76 27.42
C SER A 50 -7.53 -31.42 27.29
N PRO A 51 -6.95 -30.92 28.37
CA PRO A 51 -6.22 -29.64 28.31
C PRO A 51 -4.79 -29.77 27.81
N SER A 52 -4.35 -30.95 27.39
CA SER A 52 -2.98 -31.16 26.95
C SER A 52 -2.92 -31.19 25.43
N LEU A 53 -2.10 -30.31 24.85
CA LEU A 53 -1.88 -30.35 23.41
C LEU A 53 -1.27 -31.68 22.98
N ASN A 54 -0.47 -32.31 23.84
CA ASN A 54 0.12 -33.59 23.51
C ASN A 54 -0.95 -34.66 23.35
N ALA A 55 -2.00 -34.61 24.17
CA ALA A 55 -3.08 -35.58 24.04
C ALA A 55 -3.87 -35.36 22.75
N ALA A 56 -4.08 -34.10 22.36
CA ALA A 56 -4.81 -33.82 21.13
C ALA A 56 -4.02 -34.28 19.90
N LYS A 57 -2.70 -34.17 19.94
CA LYS A 57 -1.88 -34.59 18.80
C LYS A 57 -2.01 -36.09 18.56
N SER A 58 -1.92 -36.89 19.63
CA SER A 58 -2.03 -38.34 19.47
C SER A 58 -3.41 -38.76 18.99
N GLU A 59 -4.46 -38.10 19.50
CA GLU A 59 -5.80 -38.31 18.96
C GLU A 59 -5.85 -37.97 17.47
N LEU A 60 -5.24 -36.83 17.10
CA LEU A 60 -5.13 -36.47 15.69
C LEU A 60 -4.35 -37.52 14.91
N ASP A 61 -3.20 -37.93 15.45
CA ASP A 61 -2.38 -38.93 14.77
C ASP A 61 -3.12 -40.26 14.62
N LYS A 62 -3.95 -40.60 15.62
CA LYS A 62 -4.77 -41.79 15.50
C LYS A 62 -5.84 -41.61 14.42
N ALA A 63 -6.44 -40.42 14.34
CA ALA A 63 -7.46 -40.17 13.33
C ALA A 63 -6.86 -40.10 11.93
N ILE A 64 -5.69 -39.48 11.79
CA ILE A 64 -5.08 -39.33 10.48
C ILE A 64 -4.34 -40.60 10.07
N GLY A 65 -3.60 -41.21 10.99
CA GLY A 65 -2.79 -42.37 10.69
C GLY A 65 -1.34 -42.10 10.41
N ARG A 66 -0.85 -40.90 10.73
CA ARG A 66 0.55 -40.55 10.57
C ARG A 66 0.94 -39.58 11.67
N ASN A 67 2.23 -39.24 11.72
CA ASN A 67 2.71 -38.24 12.66
C ASN A 67 2.48 -36.86 12.03
N THR A 68 1.35 -36.25 12.37
CA THR A 68 0.98 -34.98 11.78
C THR A 68 1.84 -33.83 12.29
N ASN A 69 2.40 -33.96 13.50
CA ASN A 69 3.06 -32.87 14.20
C ASN A 69 2.12 -31.69 14.41
N GLY A 70 0.82 -31.98 14.52
CA GLY A 70 -0.18 -30.96 14.76
C GLY A 70 -0.69 -30.25 13.53
N VAL A 71 -0.19 -30.58 12.34
CA VAL A 71 -0.58 -29.92 11.10
C VAL A 71 -1.03 -30.98 10.11
N ILE A 72 -2.22 -30.79 9.54
CA ILE A 72 -2.78 -31.69 8.54
C ILE A 72 -2.91 -30.95 7.22
N THR A 73 -2.93 -31.72 6.14
CA THR A 73 -3.10 -31.14 4.81
C THR A 73 -4.55 -30.73 4.59
N LYS A 74 -4.77 -29.89 3.58
CA LYS A 74 -6.15 -29.54 3.20
C LYS A 74 -6.92 -30.77 2.77
N ASP A 75 -6.26 -31.69 2.06
CA ASP A 75 -6.91 -32.94 1.66
C ASP A 75 -7.40 -33.72 2.86
N GLU A 76 -6.56 -33.83 3.91
CA GLU A 76 -6.96 -34.57 5.09
C GLU A 76 -8.02 -33.82 5.88
N ALA A 77 -7.94 -32.49 5.95
CA ALA A 77 -8.92 -31.72 6.71
C ALA A 77 -10.32 -31.88 6.12
N GLU A 78 -10.41 -31.99 4.79
CA GLU A 78 -11.71 -32.18 4.16
C GLU A 78 -12.33 -33.52 4.56
N LYS A 79 -11.50 -34.57 4.65
CA LYS A 79 -12.02 -35.90 4.94
C LYS A 79 -12.54 -35.99 6.38
N LEU A 80 -11.84 -35.36 7.33
CA LEU A 80 -12.35 -35.31 8.69
C LEU A 80 -13.69 -34.59 8.75
N PHE A 81 -13.81 -33.47 8.03
CA PHE A 81 -15.07 -32.73 8.00
C PHE A 81 -16.22 -33.60 7.52
N ASN A 82 -16.03 -34.29 6.39
CA ASN A 82 -17.05 -35.21 5.89
C ASN A 82 -17.31 -36.35 6.86
N GLN A 83 -16.25 -36.88 7.48
CA GLN A 83 -16.46 -37.85 8.55
C GLN A 83 -17.24 -37.24 9.70
N ASP A 84 -16.97 -35.97 10.02
CA ASP A 84 -17.69 -35.30 11.10
C ASP A 84 -19.13 -34.99 10.70
N VAL A 85 -19.36 -34.58 9.44
CA VAL A 85 -20.71 -34.25 8.99
C VAL A 85 -21.58 -35.51 8.98
N ASP A 86 -21.08 -36.59 8.38
CA ASP A 86 -21.85 -37.82 8.31
C ASP A 86 -22.11 -38.41 9.69
N ALA A 87 -21.13 -38.31 10.59
CA ALA A 87 -21.34 -38.78 11.95
C ALA A 87 -22.45 -37.99 12.64
N ALA A 88 -22.52 -36.69 12.39
CA ALA A 88 -23.63 -35.90 12.92
C ALA A 88 -24.94 -36.31 12.28
N VAL A 89 -24.92 -36.65 11.00
CA VAL A 89 -26.13 -37.12 10.33
C VAL A 89 -26.57 -38.48 10.88
N ARG A 90 -25.60 -39.38 11.12
CA ARG A 90 -25.95 -40.68 11.69
C ARG A 90 -26.52 -40.52 13.10
N GLY A 91 -25.94 -39.65 13.91
CA GLY A 91 -26.42 -39.46 15.27
C GLY A 91 -27.86 -39.00 15.32
N ILE A 92 -28.27 -38.15 14.37
CA ILE A 92 -29.66 -37.72 14.30
C ILE A 92 -30.56 -38.89 13.94
N LEU A 93 -30.14 -39.72 12.98
CA LEU A 93 -30.96 -40.85 12.58
C LEU A 93 -30.99 -41.94 13.64
N ARG A 94 -29.94 -42.04 14.46
CA ARG A 94 -29.94 -43.03 15.54
C ARG A 94 -30.77 -42.56 16.73
N ASN A 95 -30.70 -41.28 17.06
CA ASN A 95 -31.35 -40.78 18.26
C ASN A 95 -32.86 -40.68 18.07
N ALA A 96 -33.61 -41.07 19.09
CA ALA A 96 -35.06 -41.12 18.99
C ALA A 96 -35.73 -39.76 19.13
N LYS A 97 -35.05 -38.77 19.70
CA LYS A 97 -35.63 -37.44 19.80
C LYS A 97 -35.43 -36.61 18.54
N LEU A 98 -34.32 -36.84 17.82
CA LEU A 98 -33.94 -36.01 16.70
C LEU A 98 -34.60 -36.43 15.39
N LYS A 99 -34.60 -37.74 15.10
CA LYS A 99 -35.13 -38.22 13.82
C LYS A 99 -36.57 -37.82 13.56
N PRO A 100 -37.52 -37.90 14.51
CA PRO A 100 -38.86 -37.38 14.22
C PRO A 100 -38.86 -35.89 13.91
N VAL A 101 -38.06 -35.11 14.64
CA VAL A 101 -37.91 -33.69 14.31
C VAL A 101 -37.23 -33.54 12.95
N TYR A 102 -36.20 -34.33 12.70
CA TYR A 102 -35.39 -34.20 11.49
C TYR A 102 -36.20 -34.53 10.24
N ASP A 103 -37.01 -35.59 10.29
CA ASP A 103 -37.78 -35.99 9.11
C ASP A 103 -38.81 -34.92 8.72
N SER A 104 -39.31 -34.15 9.69
CA SER A 104 -40.35 -33.17 9.45
C SER A 104 -39.80 -31.80 9.08
N LEU A 105 -38.52 -31.71 8.73
CA LEU A 105 -37.89 -30.44 8.40
C LEU A 105 -37.50 -30.41 6.92
N ASP A 106 -37.75 -29.26 6.28
CA ASP A 106 -37.27 -29.04 4.93
C ASP A 106 -35.73 -29.04 4.92
N ALA A 107 -35.17 -29.22 3.72
CA ALA A 107 -33.73 -29.43 3.60
C ALA A 107 -32.93 -28.26 4.14
N VAL A 108 -33.47 -27.04 4.07
CA VAL A 108 -32.72 -25.88 4.55
C VAL A 108 -32.65 -25.89 6.07
N ARG A 109 -33.76 -26.24 6.75
CA ARG A 109 -33.73 -26.34 8.20
C ARG A 109 -33.11 -27.63 8.69
N ARG A 110 -32.98 -28.64 7.83
CA ARG A 110 -32.25 -29.84 8.22
C ARG A 110 -30.77 -29.52 8.44
N ALA A 111 -30.21 -28.66 7.60
CA ALA A 111 -28.81 -28.25 7.79
C ALA A 111 -28.63 -27.57 9.14
N ALA A 112 -29.58 -26.74 9.54
CA ALA A 112 -29.47 -26.04 10.82
C ALA A 112 -29.46 -27.03 11.99
N LEU A 113 -30.26 -28.11 11.89
CA LEU A 113 -30.24 -29.12 12.94
C LEU A 113 -28.96 -29.94 12.90
N ILE A 114 -28.51 -30.31 11.69
CA ILE A 114 -27.22 -31.00 11.56
C ILE A 114 -26.09 -30.10 12.01
N ASN A 115 -26.19 -28.80 11.70
CA ASN A 115 -25.20 -27.83 12.19
C ASN A 115 -25.08 -27.89 13.71
N MET A 116 -26.21 -27.89 14.41
CA MET A 116 -26.17 -28.01 15.86
C MET A 116 -25.54 -29.33 16.29
N VAL A 117 -26.00 -30.44 15.70
CA VAL A 117 -25.45 -31.75 16.03
C VAL A 117 -23.97 -31.85 15.67
N PHE A 118 -23.57 -31.17 14.59
CA PHE A 118 -22.15 -31.10 14.25
C PHE A 118 -21.35 -30.48 15.39
N GLN A 119 -21.85 -29.37 15.94
CA GLN A 119 -21.12 -28.63 16.95
C GLN A 119 -21.21 -29.28 18.32
N MET A 120 -22.43 -29.61 18.75
CA MET A 120 -22.69 -30.02 20.13
C MET A 120 -22.89 -31.52 20.29
N GLY A 121 -23.00 -32.27 19.20
CA GLY A 121 -23.13 -33.71 19.27
C GLY A 121 -24.57 -34.17 19.38
N GLU A 122 -24.78 -35.44 19.05
CA GLU A 122 -26.08 -36.09 19.18
C GLU A 122 -26.69 -35.87 20.57
N THR A 123 -25.95 -36.28 21.60
CA THR A 123 -26.49 -36.24 22.95
C THR A 123 -26.69 -34.81 23.45
N GLY A 124 -25.85 -33.88 23.02
CA GLY A 124 -25.99 -32.50 23.47
C GLY A 124 -27.18 -31.80 22.84
N VAL A 125 -27.38 -32.01 21.53
CA VAL A 125 -28.47 -31.34 20.82
C VAL A 125 -29.82 -31.94 21.21
N ALA A 126 -29.84 -33.21 21.58
CA ALA A 126 -31.08 -33.82 22.08
C ALA A 126 -31.55 -33.21 23.39
N GLY A 127 -30.72 -32.42 24.07
CA GLY A 127 -31.13 -31.82 25.32
C GLY A 127 -32.21 -30.77 25.18
N PHE A 128 -32.34 -30.17 24.00
CA PHE A 128 -33.32 -29.10 23.76
C PHE A 128 -34.71 -29.73 23.65
N THR A 129 -35.27 -30.07 24.81
CA THR A 129 -36.55 -30.78 24.83
C THR A 129 -37.68 -29.94 24.23
N ASN A 130 -37.85 -28.72 24.74
CA ASN A 130 -38.91 -27.86 24.22
C ASN A 130 -38.58 -27.35 22.82
N SER A 131 -37.32 -26.99 22.58
CA SER A 131 -36.94 -26.39 21.30
C SER A 131 -37.12 -27.36 20.15
N LEU A 132 -36.67 -28.61 20.34
CA LEU A 132 -36.89 -29.63 19.31
C LEU A 132 -38.38 -29.89 19.10
N ARG A 133 -39.16 -29.88 20.19
CA ARG A 133 -40.59 -30.11 20.07
C ARG A 133 -41.28 -29.00 19.29
N MET A 134 -40.77 -27.77 19.39
CA MET A 134 -41.33 -26.66 18.63
C MET A 134 -41.06 -26.80 17.14
N LEU A 135 -39.94 -27.44 16.78
CA LEU A 135 -39.61 -27.58 15.37
C LEU A 135 -40.52 -28.60 14.68
N GLN A 136 -40.90 -29.67 15.40
CA GLN A 136 -41.94 -30.57 14.90
C GLN A 136 -43.22 -29.80 14.62
N GLN A 137 -43.66 -29.00 15.58
CA GLN A 137 -44.90 -28.25 15.44
C GLN A 137 -44.74 -27.01 14.56
N LYS A 138 -43.56 -26.81 13.96
CA LYS A 138 -43.34 -25.75 12.98
C LYS A 138 -43.53 -24.37 13.60
N ARG A 139 -43.10 -24.23 14.85
CA ARG A 139 -43.17 -22.97 15.59
C ARG A 139 -41.80 -22.29 15.52
N TRP A 140 -41.50 -21.75 14.34
CA TRP A 140 -40.14 -21.33 14.04
C TRP A 140 -39.74 -20.12 14.88
N ASP A 141 -40.50 -19.04 14.77
CA ASP A 141 -40.21 -17.83 15.54
C ASP A 141 -40.23 -18.12 17.03
N GLU A 142 -41.14 -19.01 17.46
CA GLU A 142 -41.26 -19.34 18.88
C GLU A 142 -40.08 -20.19 19.34
N ALA A 143 -39.58 -21.08 18.48
CA ALA A 143 -38.36 -21.81 18.82
C ALA A 143 -37.14 -20.92 18.71
N ALA A 144 -37.16 -19.95 17.79
CA ALA A 144 -36.04 -19.02 17.64
C ALA A 144 -35.84 -18.22 18.93
N VAL A 145 -36.91 -17.72 19.52
CA VAL A 145 -36.82 -17.04 20.80
C VAL A 145 -36.37 -18.01 21.89
N ASN A 146 -36.85 -19.26 21.81
CA ASN A 146 -36.47 -20.26 22.81
C ASN A 146 -34.98 -20.58 22.73
N LEU A 147 -34.48 -20.83 21.51
CA LEU A 147 -33.07 -21.19 21.34
C LEU A 147 -32.12 -20.06 21.72
N ALA A 148 -32.55 -18.80 21.58
CA ALA A 148 -31.66 -17.68 21.88
C ALA A 148 -31.31 -17.61 23.36
N LYS A 149 -32.05 -18.31 24.21
CA LYS A 149 -31.84 -18.28 25.66
C LYS A 149 -30.90 -19.39 26.14
N SER A 150 -30.38 -20.21 25.23
CA SER A 150 -29.58 -21.37 25.58
C SER A 150 -28.15 -20.97 25.93
N ARG A 151 -27.44 -21.90 26.57
CA ARG A 151 -26.00 -21.70 26.79
C ARG A 151 -25.24 -21.72 25.46
N TRP A 152 -25.72 -22.53 24.52
CA TRP A 152 -25.19 -22.53 23.16
C TRP A 152 -25.19 -21.13 22.56
N TYR A 153 -26.23 -20.35 22.82
CA TYR A 153 -26.27 -18.98 22.29
C TYR A 153 -25.22 -18.11 22.97
N ASN A 154 -25.04 -18.25 24.29
CA ASN A 154 -24.12 -17.37 25.00
C ASN A 154 -22.67 -17.61 24.59
N GLN A 155 -22.27 -18.86 24.38
CA GLN A 155 -20.88 -19.13 24.06
C GLN A 155 -20.54 -18.68 22.64
N THR A 156 -21.43 -18.93 21.69
CA THR A 156 -21.26 -18.50 20.30
C THR A 156 -22.52 -17.76 19.86
N PRO A 157 -22.67 -16.49 20.24
CA PRO A 157 -23.85 -15.75 19.80
C PRO A 157 -23.95 -15.58 18.30
N ASN A 158 -22.82 -15.30 17.65
CA ASN A 158 -22.83 -15.00 16.22
C ASN A 158 -23.23 -16.24 15.42
N ARG A 159 -22.65 -17.40 15.72
CA ARG A 159 -23.04 -18.62 15.02
C ARG A 159 -24.47 -19.02 15.34
N ALA A 160 -24.87 -18.89 16.61
CA ALA A 160 -26.25 -19.24 16.97
C ALA A 160 -27.25 -18.38 16.21
N LYS A 161 -26.96 -17.08 16.05
CA LYS A 161 -27.83 -16.21 15.28
C LYS A 161 -28.03 -16.74 13.86
N ARG A 162 -26.94 -17.13 13.21
CA ARG A 162 -27.04 -17.66 11.84
C ARG A 162 -27.88 -18.94 11.82
N VAL A 163 -27.69 -19.82 12.81
CA VAL A 163 -28.47 -21.05 12.86
C VAL A 163 -29.93 -20.74 13.22
N ILE A 164 -30.13 -19.94 14.28
CA ILE A 164 -31.48 -19.62 14.74
C ILE A 164 -32.26 -18.89 13.65
N THR A 165 -31.61 -17.95 12.96
CA THR A 165 -32.27 -17.31 11.82
C THR A 165 -32.57 -18.31 10.72
N THR A 166 -31.69 -19.30 10.54
CA THR A 166 -31.89 -20.30 9.49
C THR A 166 -33.09 -21.19 9.80
N PHE A 167 -33.24 -21.62 11.06
CA PHE A 167 -34.47 -22.27 11.47
C PHE A 167 -35.68 -21.36 11.26
N ARG A 168 -35.55 -20.09 11.64
CA ARG A 168 -36.69 -19.19 11.67
C ARG A 168 -37.23 -18.89 10.28
N THR A 169 -36.34 -18.68 9.30
CA THR A 169 -36.78 -18.34 7.96
C THR A 169 -36.82 -19.52 7.01
N GLY A 170 -36.09 -20.58 7.29
CA GLY A 170 -35.94 -21.63 6.30
C GLY A 170 -35.20 -21.18 5.06
N THR A 171 -34.40 -20.12 5.16
CA THR A 171 -33.64 -19.56 4.05
C THR A 171 -32.16 -19.48 4.44
N TRP A 172 -31.33 -19.14 3.46
CA TRP A 172 -29.89 -19.00 3.66
C TRP A 172 -29.48 -17.54 3.79
N ASP A 173 -30.41 -16.69 4.25
CA ASP A 173 -30.14 -15.26 4.35
C ASP A 173 -28.97 -14.97 5.28
N ALA A 174 -28.81 -15.76 6.34
CA ALA A 174 -27.70 -15.54 7.25
C ALA A 174 -26.36 -15.88 6.60
N TYR A 175 -26.36 -16.73 5.57
CA TYR A 175 -25.14 -17.20 4.93
C TYR A 175 -24.96 -16.69 3.51
N ALA A 176 -26.04 -16.35 2.81
CA ALA A 176 -25.91 -15.88 1.43
C ALA A 176 -25.24 -14.53 1.33
N ALA A 177 -25.39 -13.69 2.36
CA ALA A 177 -24.80 -12.35 2.34
C ALA A 177 -23.28 -12.41 2.29
N ASP A 178 -22.68 -13.44 2.90
CA ASP A 178 -21.23 -13.58 2.84
C ASP A 178 -20.72 -13.65 1.41
N GLU A 179 -21.54 -14.10 0.48
CA GLU A 179 -21.04 -14.31 -0.87
C GLU A 179 -20.89 -13.00 -1.64
N VAL A 180 -21.71 -12.00 -1.33
CA VAL A 180 -21.55 -10.69 -1.96
C VAL A 180 -20.14 -10.15 -1.71
N TRP A 181 -19.58 -10.46 -0.54
CA TRP A 181 -18.22 -10.03 -0.20
C TRP A 181 -17.21 -10.49 -1.24
N VAL A 182 -17.29 -11.76 -1.68
CA VAL A 182 -16.36 -12.25 -2.68
C VAL A 182 -16.57 -11.51 -4.00
N VAL A 183 -17.82 -11.19 -4.34
CA VAL A 183 -18.10 -10.46 -5.57
C VAL A 183 -17.56 -9.03 -5.47
N GLY A 184 -17.95 -8.31 -4.41
CA GLY A 184 -17.43 -6.96 -4.23
C GLY A 184 -15.93 -6.90 -4.08
N MET A 185 -15.33 -7.91 -3.45
CA MET A 185 -13.87 -7.96 -3.33
C MET A 185 -13.23 -8.13 -4.70
N GLY A 186 -13.84 -8.94 -5.57
CA GLY A 186 -13.26 -9.17 -6.89
C GLY A 186 -13.25 -7.92 -7.75
N ILE A 187 -14.36 -7.18 -7.76
CA ILE A 187 -14.42 -5.96 -8.56
C ILE A 187 -13.55 -4.86 -7.95
N VAL A 188 -13.42 -4.83 -6.63
CA VAL A 188 -12.48 -3.90 -6.01
C VAL A 188 -11.05 -4.27 -6.34
N MET A 189 -10.70 -5.55 -6.17
CA MET A 189 -9.38 -6.03 -6.60
C MET A 189 -9.16 -5.74 -8.08
N SER A 190 -10.20 -5.88 -8.90
CA SER A 190 -10.09 -5.55 -10.31
C SER A 190 -9.71 -4.10 -10.50
N LEU A 191 -10.50 -3.18 -9.92
CA LEU A 191 -10.26 -1.75 -10.11
C LEU A 191 -8.87 -1.33 -9.63
N ILE A 192 -8.34 -2.00 -8.59
CA ILE A 192 -7.01 -1.69 -8.11
C ILE A 192 -5.96 -1.96 -9.18
N VAL A 193 -6.09 -3.09 -9.88
CA VAL A 193 -5.13 -3.42 -10.94
C VAL A 193 -5.17 -2.38 -12.05
N LEU A 194 -6.37 -1.95 -12.44
CA LEU A 194 -6.51 -0.98 -13.52
C LEU A 194 -5.81 0.34 -13.17
N ALA A 195 -6.08 0.88 -11.98
CA ALA A 195 -5.50 2.16 -11.61
C ALA A 195 -3.98 2.10 -11.56
N ILE A 196 -3.41 0.99 -11.08
CA ILE A 196 -1.96 0.88 -10.98
C ILE A 196 -1.33 0.76 -12.36
N VAL A 197 -1.91 -0.08 -13.23
CA VAL A 197 -1.35 -0.26 -14.56
C VAL A 197 -1.56 0.99 -15.40
N PHE A 198 -2.78 1.52 -15.42
CA PHE A 198 -3.08 2.72 -16.20
C PHE A 198 -2.22 3.91 -15.76
N GLY A 199 -2.22 4.21 -14.46
CA GLY A 199 -1.51 5.39 -13.99
C GLY A 199 -0.01 5.31 -14.22
N ASN A 200 0.59 4.16 -13.95
CA ASN A 200 2.05 4.05 -14.02
C ASN A 200 2.55 4.00 -15.46
N VAL A 201 1.86 3.27 -16.35
CA VAL A 201 2.18 3.33 -17.77
C VAL A 201 2.07 4.78 -18.26
N LEU A 202 1.05 5.49 -17.79
CA LEU A 202 0.86 6.88 -18.20
C LEU A 202 2.01 7.75 -17.73
N VAL A 203 2.54 7.50 -16.53
CA VAL A 203 3.66 8.28 -16.02
C VAL A 203 4.94 7.91 -16.75
N ILE A 204 5.17 6.62 -16.96
CA ILE A 204 6.36 6.17 -17.70
C ILE A 204 6.36 6.75 -19.11
N THR A 205 5.22 6.69 -19.79
CA THR A 205 5.15 7.14 -21.17
C THR A 205 5.41 8.64 -21.27
N ALA A 206 4.91 9.42 -20.31
CA ALA A 206 5.07 10.88 -20.37
C ALA A 206 6.53 11.29 -20.28
N ILE A 207 7.26 10.73 -19.32
CA ILE A 207 8.65 11.14 -19.12
C ILE A 207 9.52 10.70 -20.29
N ALA A 208 9.27 9.50 -20.82
CA ALA A 208 10.11 8.99 -21.91
C ALA A 208 9.85 9.73 -23.21
N LYS A 209 8.58 9.98 -23.54
CA LYS A 209 8.24 10.64 -24.81
C LYS A 209 8.55 12.13 -24.80
N PHE A 210 8.40 12.80 -23.67
CA PHE A 210 8.53 14.25 -23.59
C PHE A 210 9.88 14.62 -23.01
N GLU A 211 10.65 15.44 -23.75
CA GLU A 211 11.99 15.80 -23.32
C GLU A 211 12.00 16.80 -22.18
N ARG A 212 10.92 17.58 -22.04
CA ARG A 212 10.79 18.51 -20.91
C ARG A 212 10.84 17.77 -19.57
N LEU A 213 10.30 16.56 -19.51
CA LEU A 213 10.19 15.82 -18.26
C LEU A 213 11.41 14.96 -17.96
N GLN A 214 12.43 14.95 -18.82
CA GLN A 214 13.61 14.11 -18.60
C GLN A 214 14.57 14.86 -17.68
N THR A 215 14.22 14.91 -16.40
CA THR A 215 15.02 15.54 -15.38
C THR A 215 15.49 14.49 -14.37
N VAL A 216 16.33 14.94 -13.44
CA VAL A 216 16.87 14.02 -12.43
C VAL A 216 15.77 13.53 -11.52
N THR A 217 14.99 14.46 -10.94
CA THR A 217 13.91 14.08 -10.05
C THR A 217 12.94 13.13 -10.76
N ASN A 218 12.68 13.38 -12.05
CA ASN A 218 11.78 12.50 -12.81
C ASN A 218 12.43 11.17 -13.11
N TYR A 219 13.76 11.11 -13.23
CA TYR A 219 14.43 9.83 -13.37
C TYR A 219 14.16 8.95 -12.15
N PHE A 220 14.13 9.56 -10.96
CA PHE A 220 13.72 8.83 -9.76
C PHE A 220 12.25 8.45 -9.85
N ILE A 221 11.41 9.34 -10.38
CA ILE A 221 10.00 9.03 -10.59
C ILE A 221 9.85 7.82 -11.51
N THR A 222 10.66 7.75 -12.57
CA THR A 222 10.58 6.64 -13.52
C THR A 222 10.85 5.31 -12.83
N SER A 223 11.91 5.24 -12.02
CA SER A 223 12.20 4.03 -11.28
C SER A 223 11.06 3.66 -10.33
N LEU A 224 10.44 4.67 -9.71
CA LEU A 224 9.25 4.43 -8.91
C LEU A 224 8.11 3.89 -9.76
N ALA A 225 7.88 4.50 -10.93
CA ALA A 225 6.77 4.09 -11.77
C ALA A 225 6.97 2.68 -12.32
N CYS A 226 8.22 2.30 -12.60
CA CYS A 226 8.49 0.96 -13.09
C CYS A 226 8.18 -0.10 -12.03
N ALA A 227 8.63 0.15 -10.79
CA ALA A 227 8.33 -0.80 -9.72
C ALA A 227 6.83 -0.90 -9.46
N ASP A 228 6.14 0.24 -9.47
CA ASP A 228 4.69 0.22 -9.28
C ASP A 228 3.97 -0.40 -10.47
N LEU A 229 4.53 -0.24 -11.67
CA LEU A 229 3.94 -0.88 -12.85
C LEU A 229 3.94 -2.39 -12.72
N VAL A 230 5.10 -2.98 -12.44
CA VAL A 230 5.20 -4.43 -12.34
C VAL A 230 4.30 -4.95 -11.22
N MET A 231 4.15 -4.17 -10.15
CA MET A 231 3.15 -4.45 -9.13
C MET A 231 1.78 -4.70 -9.76
N GLY A 232 1.29 -3.72 -10.53
CA GLY A 232 -0.03 -3.85 -11.12
C GLY A 232 -0.10 -4.91 -12.21
N LEU A 233 1.01 -5.17 -12.90
CA LEU A 233 1.00 -6.18 -13.96
C LEU A 233 1.19 -7.58 -13.42
N ALA A 234 2.13 -7.76 -12.49
CA ALA A 234 2.54 -9.09 -12.05
C ALA A 234 2.09 -9.44 -10.65
N VAL A 235 2.39 -8.60 -9.65
CA VAL A 235 2.13 -8.96 -8.26
C VAL A 235 0.64 -8.98 -7.96
N VAL A 236 -0.03 -7.85 -8.23
CA VAL A 236 -1.42 -7.67 -7.81
C VAL A 236 -2.38 -8.64 -8.50
N PRO A 237 -2.32 -8.84 -9.83
CA PRO A 237 -3.28 -9.74 -10.47
C PRO A 237 -3.25 -11.16 -9.91
N PHE A 238 -2.07 -11.74 -9.72
CA PHE A 238 -2.01 -13.10 -9.20
C PHE A 238 -2.43 -13.15 -7.74
N GLY A 239 -2.19 -12.07 -6.98
CA GLY A 239 -2.69 -12.01 -5.62
C GLY A 239 -4.20 -12.06 -5.56
N ALA A 240 -4.86 -11.37 -6.50
CA ALA A 240 -6.31 -11.45 -6.59
C ALA A 240 -6.75 -12.86 -6.98
N ALA A 241 -6.10 -13.43 -7.99
CA ALA A 241 -6.43 -14.80 -8.38
C ALA A 241 -6.16 -15.79 -7.26
N HIS A 242 -5.08 -15.56 -6.50
CA HIS A 242 -4.75 -16.45 -5.39
C HIS A 242 -5.82 -16.40 -4.30
N ILE A 243 -6.28 -15.20 -3.95
CA ILE A 243 -7.21 -15.04 -2.84
C ILE A 243 -8.61 -15.52 -3.22
N LEU A 244 -9.08 -15.11 -4.40
CA LEU A 244 -10.46 -15.42 -4.79
C LEU A 244 -10.67 -16.93 -4.94
N THR A 245 -9.74 -17.62 -5.60
CA THR A 245 -9.89 -19.03 -5.91
C THR A 245 -9.43 -19.95 -4.78
N LYS A 246 -8.89 -19.40 -3.70
CA LYS A 246 -8.42 -20.11 -2.51
C LYS A 246 -7.24 -21.05 -2.78
N THR A 247 -6.71 -21.07 -4.00
CA THR A 247 -5.63 -21.99 -4.33
C THR A 247 -4.62 -21.30 -5.26
N TRP A 248 -3.42 -21.86 -5.28
CA TRP A 248 -2.38 -21.49 -6.23
C TRP A 248 -2.30 -22.55 -7.33
N THR A 249 -2.38 -22.11 -8.59
CA THR A 249 -2.52 -23.02 -9.72
C THR A 249 -1.29 -23.01 -10.63
N PHE A 250 -0.19 -22.39 -10.21
CA PHE A 250 0.95 -22.16 -11.10
C PHE A 250 2.20 -22.90 -10.67
N GLY A 251 2.13 -23.74 -9.64
CA GLY A 251 3.27 -24.50 -9.19
C GLY A 251 4.08 -23.79 -8.11
N ASN A 252 4.96 -24.56 -7.47
CA ASN A 252 5.79 -24.01 -6.40
C ASN A 252 6.76 -22.96 -6.93
N PHE A 253 7.55 -23.31 -7.96
CA PHE A 253 8.59 -22.42 -8.45
C PHE A 253 8.04 -21.05 -8.83
N TRP A 254 6.90 -21.01 -9.52
CA TRP A 254 6.37 -19.73 -9.96
C TRP A 254 5.85 -18.87 -8.81
N CYS A 255 5.51 -19.46 -7.68
CA CYS A 255 5.02 -18.62 -6.59
C CYS A 255 6.15 -18.06 -5.75
N GLU A 256 7.24 -18.82 -5.60
CA GLU A 256 8.46 -18.23 -5.06
C GLU A 256 8.97 -17.13 -5.98
N PHE A 257 8.82 -17.32 -7.28
CA PHE A 257 9.19 -16.28 -8.24
C PHE A 257 8.20 -15.13 -8.19
N TRP A 258 6.91 -15.44 -7.98
CA TRP A 258 5.92 -14.39 -7.73
C TRP A 258 6.17 -13.69 -6.40
N THR A 259 6.42 -14.46 -5.34
CA THR A 259 6.84 -13.86 -4.07
C THR A 259 8.10 -13.04 -4.25
N SER A 260 9.01 -13.51 -5.10
CA SER A 260 10.25 -12.79 -5.35
C SER A 260 9.99 -11.43 -5.98
N ILE A 261 9.03 -11.35 -6.92
CA ILE A 261 8.70 -10.08 -7.54
C ILE A 261 8.00 -9.17 -6.54
N ASP A 262 7.17 -9.74 -5.67
CA ASP A 262 6.43 -8.94 -4.69
C ASP A 262 7.37 -8.19 -3.77
N VAL A 263 8.35 -8.89 -3.19
CA VAL A 263 9.30 -8.21 -2.32
C VAL A 263 10.23 -7.30 -3.13
N LEU A 264 10.53 -7.69 -4.38
CA LEU A 264 11.39 -6.87 -5.23
C LEU A 264 10.76 -5.50 -5.49
N CYS A 265 9.53 -5.48 -5.99
CA CYS A 265 8.91 -4.23 -6.39
C CYS A 265 8.60 -3.35 -5.19
N VAL A 266 8.11 -3.94 -4.10
CA VAL A 266 7.75 -3.15 -2.92
C VAL A 266 9.00 -2.51 -2.30
N THR A 267 10.10 -3.25 -2.23
CA THR A 267 11.34 -2.68 -1.71
C THR A 267 11.85 -1.56 -2.60
N ALA A 268 11.87 -1.80 -3.91
CA ALA A 268 12.34 -0.76 -4.84
C ALA A 268 11.41 0.44 -4.85
N SER A 269 10.10 0.21 -4.70
CA SER A 269 9.15 1.31 -4.71
C SER A 269 9.31 2.19 -3.46
N ILE A 270 9.38 1.57 -2.28
CA ILE A 270 9.46 2.34 -1.04
C ILE A 270 10.80 3.04 -0.93
N GLU A 271 11.89 2.37 -1.29
CA GLU A 271 13.20 3.01 -1.24
C GLU A 271 13.28 4.19 -2.21
N THR A 272 12.63 4.06 -3.38
CA THR A 272 12.62 5.16 -4.33
C THR A 272 11.86 6.36 -3.77
N LEU A 273 10.76 6.10 -3.04
CA LEU A 273 10.10 7.19 -2.31
C LEU A 273 11.08 7.86 -1.35
N CYS A 274 11.89 7.06 -0.65
CA CYS A 274 12.92 7.61 0.20
C CYS A 274 13.94 8.41 -0.60
N VAL A 275 14.37 7.88 -1.75
CA VAL A 275 15.32 8.59 -2.58
C VAL A 275 14.73 9.90 -3.09
N ILE A 276 13.48 9.87 -3.56
CA ILE A 276 12.81 11.09 -4.01
C ILE A 276 12.71 12.09 -2.86
N ALA A 277 12.44 11.61 -1.65
CA ALA A 277 12.31 12.50 -0.50
C ALA A 277 13.61 13.24 -0.23
N VAL A 278 14.71 12.51 -0.11
CA VAL A 278 16.03 13.13 0.12
C VAL A 278 16.38 14.04 -1.04
N ASP A 279 16.05 13.63 -2.26
CA ASP A 279 16.39 14.37 -3.44
C ASP A 279 15.77 15.71 -3.38
N ARG A 280 14.50 15.78 -2.98
CA ARG A 280 13.82 17.07 -2.94
C ARG A 280 14.31 17.90 -1.76
N TYR A 281 14.63 17.27 -0.64
CA TYR A 281 15.28 17.97 0.46
C TYR A 281 16.53 18.71 -0.02
N PHE A 282 17.44 17.98 -0.67
CA PHE A 282 18.66 18.59 -1.18
C PHE A 282 18.34 19.69 -2.19
N ALA A 283 17.47 19.39 -3.17
CA ALA A 283 17.17 20.35 -4.23
C ALA A 283 16.44 21.58 -3.70
N ILE A 284 15.69 21.44 -2.61
CA ILE A 284 14.96 22.57 -2.03
C ILE A 284 15.85 23.38 -1.08
N THR A 285 16.71 22.72 -0.31
CA THR A 285 17.52 23.42 0.68
C THR A 285 18.89 23.84 0.17
N SER A 286 19.38 23.22 -0.90
CA SER A 286 20.68 23.58 -1.50
C SER A 286 20.60 23.37 -3.00
N PRO A 287 19.84 24.21 -3.71
CA PRO A 287 19.59 23.95 -5.13
C PRO A 287 20.84 23.98 -5.99
N PHE A 288 21.84 24.76 -5.62
CA PHE A 288 22.97 25.02 -6.50
C PHE A 288 24.09 24.00 -6.29
N LYS A 289 24.45 23.76 -5.03
CA LYS A 289 25.44 22.73 -4.73
C LYS A 289 24.95 21.36 -5.20
N TYR A 290 23.70 21.01 -4.87
CA TYR A 290 23.13 19.78 -5.31
C TYR A 290 23.22 19.64 -6.81
N GLN A 291 22.90 20.71 -7.55
CA GLN A 291 22.92 20.60 -9.01
C GLN A 291 24.32 20.34 -9.55
N SER A 292 25.35 20.85 -8.87
CA SER A 292 26.72 20.54 -9.25
C SER A 292 27.01 19.05 -9.09
N LEU A 293 26.43 18.45 -8.06
CA LEU A 293 26.71 17.05 -7.71
C LEU A 293 26.17 16.09 -8.76
N LEU A 294 24.86 16.08 -8.98
CA LEU A 294 24.27 15.01 -9.75
C LEU A 294 24.54 15.11 -11.24
N THR A 295 25.61 14.47 -11.69
CA THR A 295 25.74 14.12 -13.09
C THR A 295 24.76 12.99 -13.41
N LYS A 296 24.59 12.72 -14.71
CA LYS A 296 23.70 11.64 -15.12
C LYS A 296 24.18 10.28 -14.63
N ASN A 297 25.47 10.13 -14.34
CA ASN A 297 25.98 8.82 -13.92
C ASN A 297 25.55 8.48 -12.49
N LYS A 298 25.49 9.48 -11.60
CA LYS A 298 25.09 9.26 -10.20
C LYS A 298 23.63 8.84 -10.07
N ALA A 299 22.71 9.71 -10.50
CA ALA A 299 21.31 9.32 -10.53
C ALA A 299 21.12 7.94 -11.16
N ARG A 300 22.00 7.55 -12.09
CA ARG A 300 21.95 6.18 -12.63
C ARG A 300 22.43 5.16 -11.61
N VAL A 301 23.55 5.44 -10.92
CA VAL A 301 24.07 4.44 -9.97
C VAL A 301 23.22 4.38 -8.71
N ILE A 302 22.53 5.47 -8.35
CA ILE A 302 21.66 5.43 -7.18
C ILE A 302 20.51 4.46 -7.40
N ILE A 303 19.81 4.60 -8.52
CA ILE A 303 18.72 3.68 -8.85
C ILE A 303 19.25 2.26 -8.98
N LEU A 304 20.45 2.11 -9.57
CA LEU A 304 21.09 0.80 -9.65
C LEU A 304 21.25 0.19 -8.26
N MET A 305 21.73 0.98 -7.30
CA MET A 305 21.87 0.49 -5.94
C MET A 305 20.50 0.11 -5.35
N VAL A 306 19.48 0.93 -5.58
CA VAL A 306 18.15 0.64 -5.04
C VAL A 306 17.65 -0.71 -5.55
N TRP A 307 17.84 -0.99 -6.83
CA TRP A 307 17.40 -2.26 -7.40
C TRP A 307 18.34 -3.41 -7.04
N ILE A 308 19.63 -3.16 -6.89
CA ILE A 308 20.53 -4.19 -6.38
C ILE A 308 20.17 -4.53 -4.93
N VAL A 309 20.01 -3.51 -4.09
CA VAL A 309 19.55 -3.74 -2.73
C VAL A 309 18.20 -4.46 -2.72
N SER A 310 17.28 -4.02 -3.58
CA SER A 310 15.97 -4.67 -3.64
C SER A 310 16.08 -6.10 -4.14
N GLY A 311 16.96 -6.35 -5.12
CA GLY A 311 17.16 -7.71 -5.59
C GLY A 311 17.78 -8.62 -4.55
N LEU A 312 18.75 -8.10 -3.80
CA LEU A 312 19.34 -8.88 -2.72
C LEU A 312 18.35 -9.19 -1.61
N THR A 313 17.33 -8.34 -1.41
CA THR A 313 16.35 -8.61 -0.37
C THR A 313 15.31 -9.63 -0.82
N SER A 314 15.00 -9.64 -2.12
CA SER A 314 13.88 -10.43 -2.65
C SER A 314 14.32 -11.74 -3.29
N PHE A 315 15.07 -11.70 -4.39
CA PHE A 315 15.39 -12.95 -5.08
C PHE A 315 16.41 -13.78 -4.31
N LEU A 316 17.46 -13.13 -3.80
CA LEU A 316 18.56 -13.88 -3.18
C LEU A 316 18.12 -14.73 -2.00
N PRO A 317 17.31 -14.25 -1.05
CA PRO A 317 16.87 -15.14 0.04
C PRO A 317 15.79 -16.10 -0.41
N ILE A 318 14.92 -15.67 -1.33
CA ILE A 318 13.77 -16.50 -1.69
C ILE A 318 14.19 -17.62 -2.64
N GLN A 319 14.93 -17.30 -3.70
CA GLN A 319 15.35 -18.34 -4.64
C GLN A 319 16.37 -19.28 -4.00
N MET A 320 17.15 -18.81 -3.04
CA MET A 320 18.10 -19.65 -2.31
C MET A 320 17.46 -20.32 -1.09
N HIS A 321 16.15 -20.15 -0.89
CA HIS A 321 15.37 -20.76 0.18
C HIS A 321 15.83 -20.30 1.56
N TRP A 322 16.41 -19.10 1.66
CA TRP A 322 16.84 -18.58 2.95
C TRP A 322 15.67 -18.06 3.76
N TYR A 323 14.61 -17.59 3.10
CA TYR A 323 13.43 -17.10 3.79
C TYR A 323 12.62 -18.25 4.39
N ARG A 324 12.80 -19.46 3.85
CA ARG A 324 12.03 -20.63 4.26
C ARG A 324 11.94 -20.77 5.77
N ALA A 325 10.72 -20.94 6.26
CA ALA A 325 10.52 -21.26 7.66
C ALA A 325 10.75 -22.76 7.88
N THR A 326 10.95 -23.13 9.15
CA THR A 326 11.30 -24.49 9.51
C THR A 326 10.15 -25.28 10.10
N HIS A 327 9.05 -24.63 10.49
CA HIS A 327 7.99 -25.34 11.19
C HIS A 327 7.18 -26.20 10.21
N GLN A 328 6.34 -27.07 10.78
CA GLN A 328 5.71 -28.13 10.00
C GLN A 328 4.70 -27.58 9.00
N GLU A 329 3.94 -26.56 9.40
CA GLU A 329 2.94 -26.02 8.49
C GLU A 329 3.58 -25.35 7.28
N ALA A 330 4.76 -24.75 7.46
CA ALA A 330 5.49 -24.18 6.33
C ALA A 330 6.00 -25.28 5.41
N ILE A 331 6.58 -26.35 5.97
CA ILE A 331 7.10 -27.45 5.18
C ILE A 331 6.03 -28.00 4.24
N ASN A 332 4.82 -28.20 4.76
CA ASN A 332 3.75 -28.77 3.96
C ASN A 332 3.37 -27.86 2.81
N CYS A 333 3.22 -26.56 3.08
CA CYS A 333 2.88 -25.62 2.01
C CYS A 333 4.02 -25.49 1.00
N TYR A 334 5.26 -25.69 1.46
CA TYR A 334 6.40 -25.69 0.55
C TYR A 334 6.39 -26.93 -0.33
N ALA A 335 5.96 -28.07 0.22
CA ALA A 335 5.90 -29.32 -0.52
C ALA A 335 4.59 -29.50 -1.27
N GLU A 336 3.63 -28.59 -1.10
CA GLU A 336 2.35 -28.64 -1.80
C GLU A 336 2.36 -27.69 -3.00
N GLU A 337 2.00 -28.23 -4.17
CA GLU A 337 1.98 -27.42 -5.39
C GLU A 337 0.89 -26.37 -5.34
N THR A 338 -0.22 -26.64 -4.65
CA THR A 338 -1.38 -25.77 -4.65
C THR A 338 -1.41 -24.78 -3.48
N CYS A 339 -0.49 -24.91 -2.52
CA CYS A 339 -0.42 -24.01 -1.39
C CYS A 339 0.75 -23.06 -1.57
N CYS A 340 0.48 -21.76 -1.45
CA CYS A 340 1.54 -20.77 -1.41
C CYS A 340 1.26 -19.72 -0.33
N ASP A 341 0.92 -20.17 0.87
CA ASP A 341 0.88 -19.26 1.99
C ASP A 341 2.30 -18.75 2.27
N PHE A 342 2.38 -17.59 2.92
CA PHE A 342 3.65 -16.93 3.14
C PHE A 342 4.18 -17.26 4.53
N PHE A 343 5.33 -17.93 4.58
CA PHE A 343 5.98 -18.29 5.83
C PHE A 343 7.45 -17.91 5.74
N THR A 344 7.96 -17.23 6.75
CA THR A 344 9.36 -16.84 6.81
C THR A 344 9.88 -16.98 8.24
N ASN A 345 11.18 -17.22 8.35
CA ASN A 345 11.84 -17.21 9.65
C ASN A 345 11.92 -15.77 10.17
N GLN A 346 12.22 -15.65 11.47
CA GLN A 346 12.24 -14.34 12.10
C GLN A 346 13.35 -13.46 11.54
N ALA A 347 14.47 -14.05 11.14
CA ALA A 347 15.61 -13.28 10.66
C ALA A 347 15.28 -12.55 9.36
N TYR A 348 14.70 -13.27 8.39
CA TYR A 348 14.34 -12.64 7.13
C TYR A 348 13.26 -11.59 7.33
N ALA A 349 12.24 -11.90 8.13
CA ALA A 349 11.15 -10.95 8.33
C ALA A 349 11.65 -9.64 8.92
N ILE A 350 12.56 -9.72 9.89
CA ILE A 350 13.14 -8.51 10.47
C ILE A 350 14.08 -7.83 9.47
N ALA A 351 14.95 -8.61 8.83
CA ALA A 351 15.92 -8.03 7.91
C ALA A 351 15.23 -7.37 6.71
N SER A 352 14.24 -8.05 6.14
CA SER A 352 13.53 -7.48 4.99
C SER A 352 12.72 -6.26 5.39
N SER A 353 12.05 -6.32 6.55
CA SER A 353 11.23 -5.19 6.99
C SER A 353 12.05 -3.92 7.17
N ILE A 354 13.25 -4.06 7.76
CA ILE A 354 14.10 -2.89 7.99
C ILE A 354 14.54 -2.28 6.66
N VAL A 355 14.99 -3.13 5.73
CA VAL A 355 15.48 -2.62 4.44
C VAL A 355 14.31 -2.12 3.59
N SER A 356 13.24 -2.92 3.49
CA SER A 356 12.12 -2.54 2.64
C SER A 356 11.40 -1.30 3.18
N PHE A 357 11.14 -1.26 4.48
CA PHE A 357 10.26 -0.23 5.03
C PHE A 357 10.92 0.68 6.06
N TYR A 358 11.59 0.12 7.07
CA TYR A 358 11.89 0.92 8.26
C TYR A 358 13.02 1.92 8.01
N VAL A 359 14.11 1.50 7.36
CA VAL A 359 15.16 2.46 7.00
C VAL A 359 14.64 3.55 6.08
N PRO A 360 13.89 3.26 5.01
CA PRO A 360 13.30 4.36 4.23
C PRO A 360 12.36 5.23 5.04
N LEU A 361 11.53 4.62 5.91
CA LEU A 361 10.60 5.40 6.72
C LEU A 361 11.34 6.42 7.59
N VAL A 362 12.34 5.96 8.34
CA VAL A 362 13.07 6.85 9.23
C VAL A 362 13.73 7.99 8.45
N ILE A 363 14.37 7.65 7.32
CA ILE A 363 15.00 8.68 6.50
C ILE A 363 13.96 9.65 5.95
N MET A 364 12.85 9.11 5.44
CA MET A 364 11.78 9.97 4.92
C MET A 364 11.25 10.90 6.00
N VAL A 365 10.89 10.35 7.16
CA VAL A 365 10.32 11.17 8.23
C VAL A 365 11.30 12.26 8.67
N PHE A 366 12.57 11.91 8.80
CA PHE A 366 13.58 12.90 9.16
C PHE A 366 13.73 13.97 8.08
N VAL A 367 13.70 13.55 6.81
CA VAL A 367 13.91 14.49 5.70
C VAL A 367 12.83 15.57 5.69
N TYR A 368 11.55 15.15 5.62
CA TYR A 368 10.47 16.13 5.55
C TYR A 368 10.35 16.96 6.81
N SER A 369 10.79 16.40 7.95
CA SER A 369 10.83 17.18 9.19
C SER A 369 11.78 18.37 9.03
N ARG A 370 12.98 18.13 8.52
CA ARG A 370 13.95 19.20 8.36
C ARG A 370 13.56 20.16 7.24
N VAL A 371 12.91 19.66 6.19
CA VAL A 371 12.34 20.56 5.18
C VAL A 371 11.38 21.54 5.84
N PHE A 372 10.48 21.03 6.67
CA PHE A 372 9.62 21.89 7.47
C PHE A 372 10.38 22.62 8.56
N GLN A 373 11.53 22.11 8.99
CA GLN A 373 12.34 22.81 9.99
C GLN A 373 13.21 23.89 9.34
N GLU A 374 13.74 23.62 8.14
CA GLU A 374 14.51 24.63 7.44
C GLU A 374 13.67 25.83 7.05
N ALA A 375 12.37 25.65 6.86
CA ALA A 375 11.52 26.71 6.33
C ALA A 375 11.46 27.90 7.28
N LYS A 376 11.45 27.64 8.59
CA LYS A 376 11.29 28.70 9.56
C LYS A 376 12.57 29.51 9.76
N ARG A 377 13.73 28.89 9.53
CA ARG A 377 15.02 29.59 9.66
C ARG A 377 15.52 30.00 8.28
N GLN A 378 14.80 30.96 7.68
CA GLN A 378 15.14 31.52 6.39
C GLN A 378 15.20 33.04 6.48
N LEU A 379 15.74 33.65 5.42
CA LEU A 379 15.94 35.09 5.40
C LEU A 379 14.62 35.83 5.21
N GLN A 380 13.79 35.84 6.25
CA GLN A 380 12.49 36.49 6.18
C GLN A 380 12.01 36.89 7.58
N LYS A 384 4.44 35.16 8.14
CA LYS A 384 3.49 35.53 9.18
C LYS A 384 2.22 34.68 9.10
N PHE A 385 2.39 33.36 9.22
CA PHE A 385 1.29 32.40 9.16
C PHE A 385 0.47 32.57 7.87
N ALA A 386 1.18 32.69 6.75
CA ALA A 386 0.51 32.91 5.48
C ALA A 386 0.02 31.58 4.89
N LEU A 387 -0.72 31.69 3.78
CA LEU A 387 -1.43 30.54 3.24
C LEU A 387 -0.47 29.48 2.73
N LYS A 388 0.47 29.86 1.87
CA LYS A 388 1.25 28.86 1.17
C LYS A 388 2.12 28.04 2.13
N GLU A 389 2.53 28.64 3.25
CA GLU A 389 3.22 27.87 4.28
C GLU A 389 2.30 26.78 4.83
N HIS A 390 1.04 27.13 5.11
CA HIS A 390 0.05 26.12 5.46
C HIS A 390 -0.25 25.21 4.28
N LYS A 391 -0.38 25.78 3.08
CA LYS A 391 -0.69 24.96 1.90
C LYS A 391 0.44 23.98 1.60
N ALA A 392 1.69 24.41 1.79
CA ALA A 392 2.82 23.49 1.58
C ALA A 392 2.83 22.40 2.63
N LEU A 393 2.49 22.74 3.88
CA LEU A 393 2.46 21.73 4.94
C LEU A 393 1.38 20.69 4.67
N LYS A 394 0.28 21.07 4.02
CA LYS A 394 -0.72 20.09 3.62
C LYS A 394 -0.16 19.12 2.60
N THR A 395 0.67 19.60 1.68
CA THR A 395 1.20 18.76 0.62
C THR A 395 2.06 17.63 1.18
N LEU A 396 3.00 17.95 2.06
CA LEU A 396 3.83 16.92 2.66
C LEU A 396 3.03 16.01 3.58
N GLY A 397 1.96 16.54 4.18
CA GLY A 397 1.09 15.71 4.99
C GLY A 397 0.40 14.63 4.18
N ILE A 398 0.06 14.94 2.93
CA ILE A 398 -0.50 13.92 2.04
C ILE A 398 0.58 12.93 1.63
N ILE A 399 1.77 13.43 1.29
CA ILE A 399 2.86 12.56 0.82
C ILE A 399 3.23 11.55 1.91
N MET A 400 3.64 12.04 3.08
CA MET A 400 4.03 11.14 4.15
C MET A 400 2.83 10.41 4.74
N GLY A 401 1.68 11.09 4.85
CA GLY A 401 0.51 10.46 5.43
C GLY A 401 0.02 9.27 4.61
N THR A 402 -0.01 9.42 3.29
CA THR A 402 -0.45 8.30 2.44
C THR A 402 0.53 7.15 2.49
N PHE A 403 1.83 7.46 2.37
CA PHE A 403 2.86 6.42 2.50
C PHE A 403 2.76 5.72 3.86
N THR A 404 2.69 6.51 4.94
CA THR A 404 2.59 5.92 6.27
C THR A 404 1.35 5.05 6.41
N LEU A 405 0.18 5.60 6.09
CA LEU A 405 -1.06 4.90 6.40
C LEU A 405 -1.22 3.64 5.57
N CYS A 406 -0.61 3.57 4.39
CA CYS A 406 -0.72 2.39 3.56
C CYS A 406 0.18 1.26 4.08
N TRP A 407 1.44 1.57 4.39
CA TRP A 407 2.42 0.53 4.70
C TRP A 407 2.73 0.36 6.18
N LEU A 408 2.59 1.40 7.00
CA LEU A 408 2.95 1.26 8.40
C LEU A 408 2.12 0.18 9.12
N PRO A 409 0.81 0.03 8.86
CA PRO A 409 0.12 -1.12 9.48
C PRO A 409 0.70 -2.47 9.07
N PHE A 410 1.02 -2.67 7.80
CA PHE A 410 1.53 -3.96 7.36
C PHE A 410 2.81 -4.34 8.08
N PHE A 411 3.81 -3.45 8.07
CA PHE A 411 5.11 -3.79 8.63
C PHE A 411 5.15 -3.70 10.15
N ILE A 412 4.25 -2.95 10.78
CA ILE A 412 4.05 -3.11 12.23
C ILE A 412 3.47 -4.49 12.52
N VAL A 413 2.34 -4.80 11.89
CA VAL A 413 1.70 -6.10 12.07
C VAL A 413 2.66 -7.23 11.70
N ASN A 414 3.50 -7.02 10.68
CA ASN A 414 4.49 -8.02 10.31
C ASN A 414 5.46 -8.26 11.46
N ILE A 415 6.03 -7.18 12.02
CA ILE A 415 6.95 -7.33 13.13
C ILE A 415 6.23 -7.87 14.37
N VAL A 416 5.00 -7.40 14.61
CA VAL A 416 4.22 -7.92 15.73
C VAL A 416 3.99 -9.42 15.57
N HIS A 417 3.74 -9.87 14.33
CA HIS A 417 3.59 -11.30 14.08
C HIS A 417 4.87 -12.08 14.41
N VAL A 418 6.03 -11.44 14.25
CA VAL A 418 7.28 -12.12 14.58
C VAL A 418 7.43 -12.29 16.09
N ILE A 419 7.08 -11.25 16.86
CA ILE A 419 7.30 -11.27 18.30
C ILE A 419 6.37 -12.28 18.97
N GLN A 420 5.09 -12.28 18.61
CA GLN A 420 4.13 -13.18 19.25
C GLN A 420 3.28 -13.85 18.19
N ASP A 421 3.22 -15.18 18.23
CA ASP A 421 2.50 -15.95 17.22
C ASP A 421 1.03 -16.10 17.62
N ASN A 422 0.19 -16.22 16.58
CA ASN A 422 -1.28 -16.33 16.53
C ASN A 422 -1.98 -15.00 16.83
N LEU A 423 -1.24 -13.93 17.14
CA LEU A 423 -1.89 -12.67 17.44
C LEU A 423 -2.49 -12.02 16.21
N ILE A 424 -1.92 -12.28 15.04
CA ILE A 424 -2.40 -11.71 13.79
C ILE A 424 -3.11 -12.82 13.01
N ARG A 425 -4.42 -12.67 12.81
CA ARG A 425 -5.12 -13.63 11.97
C ARG A 425 -4.74 -13.38 10.51
N LYS A 426 -4.87 -14.42 9.69
CA LYS A 426 -4.36 -14.36 8.32
C LYS A 426 -5.07 -13.29 7.50
N GLU A 427 -6.36 -13.06 7.77
CA GLU A 427 -7.12 -12.10 6.98
C GLU A 427 -6.62 -10.69 7.18
N VAL A 428 -6.30 -10.32 8.42
CA VAL A 428 -5.76 -8.99 8.70
C VAL A 428 -4.41 -8.82 8.02
N TYR A 429 -3.57 -9.86 8.05
CA TYR A 429 -2.26 -9.79 7.42
C TYR A 429 -2.39 -9.58 5.91
N ILE A 430 -3.35 -10.25 5.28
CA ILE A 430 -3.56 -10.09 3.84
C ILE A 430 -4.19 -8.74 3.53
N LEU A 431 -5.17 -8.32 4.33
CA LEU A 431 -5.84 -7.05 4.10
C LEU A 431 -4.85 -5.90 4.11
N LEU A 432 -3.98 -5.86 5.11
CA LEU A 432 -3.04 -4.74 5.24
C LEU A 432 -1.99 -4.75 4.13
N ASN A 433 -1.60 -5.93 3.64
CA ASN A 433 -0.70 -5.99 2.51
C ASN A 433 -1.34 -5.41 1.26
N TRP A 434 -2.62 -5.73 1.03
CA TRP A 434 -3.34 -5.15 -0.09
C TRP A 434 -3.63 -3.67 0.11
N ILE A 435 -3.73 -3.21 1.36
CA ILE A 435 -3.77 -1.78 1.61
C ILE A 435 -2.40 -1.16 1.33
N GLY A 436 -1.33 -1.95 1.51
CA GLY A 436 -0.03 -1.51 1.03
C GLY A 436 0.09 -1.58 -0.49
N TYR A 437 -0.55 -2.58 -1.11
CA TYR A 437 -0.48 -2.70 -2.57
C TYR A 437 -1.02 -1.46 -3.27
N VAL A 438 -2.08 -0.86 -2.73
CA VAL A 438 -2.73 0.27 -3.43
C VAL A 438 -1.94 1.56 -3.36
N ASN A 439 -0.82 1.59 -2.64
CA ASN A 439 0.03 2.77 -2.65
C ASN A 439 0.67 2.97 -4.03
N SER A 440 0.81 1.87 -4.80
CA SER A 440 1.33 1.98 -6.16
C SER A 440 0.39 2.78 -7.04
N GLY A 441 -0.92 2.62 -6.85
CA GLY A 441 -1.87 3.43 -7.60
C GLY A 441 -1.90 4.88 -7.16
N PHE A 442 -1.55 5.15 -5.91
CA PHE A 442 -1.58 6.52 -5.40
C PHE A 442 -0.33 7.30 -5.77
N ASN A 443 0.80 6.62 -5.94
CA ASN A 443 2.07 7.31 -6.18
C ASN A 443 2.05 8.21 -7.42
N PRO A 444 1.50 7.80 -8.57
CA PRO A 444 1.38 8.77 -9.67
C PRO A 444 0.53 9.98 -9.31
N LEU A 445 -0.47 9.81 -8.45
CA LEU A 445 -1.33 10.92 -8.08
C LEU A 445 -0.62 11.91 -7.17
N ILE A 446 0.42 11.48 -6.45
CA ILE A 446 1.12 12.34 -5.51
C ILE A 446 2.29 13.07 -6.17
N TYR A 447 3.09 12.36 -6.95
CA TYR A 447 4.39 12.84 -7.40
C TYR A 447 4.38 13.41 -8.81
N CYS A 448 3.22 13.42 -9.48
CA CYS A 448 3.13 13.91 -10.86
C CYS A 448 2.10 15.03 -11.01
N ARG A 449 2.00 15.89 -10.00
CA ARG A 449 1.10 17.02 -10.05
C ARG A 449 1.66 18.21 -10.82
N SER A 450 2.91 18.11 -11.29
CA SER A 450 3.61 19.26 -11.81
C SER A 450 2.94 19.78 -13.07
N PRO A 451 3.12 21.07 -13.38
CA PRO A 451 2.53 21.61 -14.62
C PRO A 451 2.95 20.87 -15.88
N ASP A 452 4.24 20.52 -16.01
CA ASP A 452 4.69 19.79 -17.19
C ASP A 452 4.07 18.39 -17.29
N PHE A 453 3.84 17.72 -16.15
CA PHE A 453 3.12 16.45 -16.21
C PHE A 453 1.71 16.63 -16.71
N ARG A 454 0.96 17.57 -16.13
CA ARG A 454 -0.43 17.75 -16.52
C ARG A 454 -0.56 18.01 -18.01
N ILE A 455 0.40 18.72 -18.60
CA ILE A 455 0.42 18.94 -20.04
C ILE A 455 0.69 17.62 -20.77
N ALA A 456 1.70 16.88 -20.31
CA ALA A 456 2.02 15.60 -20.95
C ALA A 456 0.86 14.64 -20.90
N PHE A 457 0.19 14.55 -19.74
CA PHE A 457 -1.00 13.70 -19.64
C PHE A 457 -2.11 14.20 -20.56
N GLN A 458 -2.19 15.51 -20.76
CA GLN A 458 -3.26 16.09 -21.58
C GLN A 458 -3.10 15.70 -23.04
N GLU A 459 -1.86 15.63 -23.53
CA GLU A 459 -1.64 15.20 -24.91
C GLU A 459 -1.62 13.68 -25.04
N LEU A 460 -1.12 12.97 -24.04
CA LEU A 460 -1.15 11.50 -24.11
C LEU A 460 -2.58 10.97 -24.15
N LEU A 461 -3.49 11.63 -23.44
CA LEU A 461 -4.90 11.27 -23.48
C LEU A 461 -5.63 11.87 -24.67
N CYS A 462 -4.90 12.37 -25.67
CA CYS A 462 -5.49 12.92 -26.89
C CYS A 462 -6.51 14.01 -26.57
N LEU A 463 -6.12 14.90 -25.65
CA LEU A 463 -6.97 16.00 -25.20
C LEU A 463 -8.29 15.49 -24.65
N GLN B 1 -1.84 35.31 -8.08
CA GLN B 1 -2.08 36.19 -6.95
C GLN B 1 -0.77 36.79 -6.44
N VAL B 2 0.33 36.46 -7.10
CA VAL B 2 1.64 37.02 -6.77
C VAL B 2 2.04 37.94 -7.91
N GLN B 3 2.87 38.92 -7.58
CA GLN B 3 3.29 39.93 -8.55
C GLN B 3 4.81 39.99 -8.60
N LEU B 4 5.34 40.36 -9.76
CA LEU B 4 6.76 40.65 -9.91
C LEU B 4 6.92 41.99 -10.59
N GLN B 5 7.58 42.93 -9.91
CA GLN B 5 7.75 44.29 -10.39
C GLN B 5 9.22 44.50 -10.71
N GLU B 6 9.54 44.65 -12.00
CA GLU B 6 10.91 44.78 -12.44
C GLU B 6 11.25 46.25 -12.67
N SER B 7 12.45 46.64 -12.26
CA SER B 7 12.88 48.03 -12.35
C SER B 7 14.34 48.09 -12.80
N GLY B 8 14.71 49.22 -13.36
CA GLY B 8 16.10 49.48 -13.69
C GLY B 8 16.53 49.16 -15.10
N GLY B 9 15.60 48.82 -16.00
CA GLY B 9 15.96 48.65 -17.39
C GLY B 9 16.58 49.92 -17.93
N GLY B 10 17.69 49.78 -18.63
CA GLY B 10 18.50 50.93 -18.98
C GLY B 10 19.14 50.84 -20.35
N LEU B 11 19.31 52.02 -20.94
CA LEU B 11 20.30 52.25 -21.97
C LEU B 11 21.57 52.75 -21.30
N VAL B 12 22.72 52.19 -21.68
CA VAL B 12 23.98 52.49 -21.02
C VAL B 12 25.12 52.20 -21.99
N GLN B 13 26.22 52.93 -21.82
CA GLN B 13 27.42 52.71 -22.63
C GLN B 13 28.17 51.48 -22.14
N ALA B 14 29.06 50.98 -23.00
CA ALA B 14 29.86 49.82 -22.65
C ALA B 14 30.79 50.14 -21.48
N GLY B 15 30.86 49.21 -20.53
CA GLY B 15 31.60 49.41 -19.31
C GLY B 15 30.83 50.08 -18.20
N GLY B 16 29.73 50.75 -18.52
CA GLY B 16 28.89 51.36 -17.51
C GLY B 16 28.19 50.32 -16.65
N SER B 17 27.49 50.80 -15.63
CA SER B 17 26.84 49.94 -14.66
C SER B 17 25.33 50.14 -14.70
N LEU B 18 24.59 49.04 -14.53
CA LEU B 18 23.16 49.07 -14.32
C LEU B 18 22.79 48.30 -13.07
N ARG B 19 21.63 48.65 -12.51
CA ARG B 19 21.04 47.96 -11.37
C ARG B 19 19.62 47.58 -11.72
N LEU B 20 19.29 46.31 -11.53
CA LEU B 20 17.94 45.81 -11.76
C LEU B 20 17.32 45.41 -10.42
N SER B 21 16.06 45.79 -10.22
CA SER B 21 15.36 45.52 -8.97
C SER B 21 14.05 44.81 -9.28
N CYS B 22 13.80 43.73 -8.53
CA CYS B 22 12.52 43.02 -8.60
C CYS B 22 11.87 42.99 -7.22
N ALA B 23 10.55 43.13 -7.20
CA ALA B 23 9.76 43.06 -5.98
C ALA B 23 8.64 42.06 -6.17
N ALA B 24 8.33 41.31 -5.12
CA ALA B 24 7.33 40.27 -5.16
C ALA B 24 6.17 40.61 -4.22
N SER B 25 4.97 40.21 -4.63
CA SER B 25 3.76 40.44 -3.85
C SER B 25 3.05 39.11 -3.60
N GLY B 26 2.06 39.15 -2.71
CA GLY B 26 1.31 37.96 -2.37
C GLY B 26 1.96 37.14 -1.28
N SER B 27 1.78 35.82 -1.36
CA SER B 27 2.34 34.89 -0.38
C SER B 27 3.22 33.88 -1.10
N ILE B 28 4.47 33.77 -0.67
CA ILE B 28 5.44 32.88 -1.28
C ILE B 28 6.02 31.98 -0.19
N PHE B 29 6.17 30.69 -0.52
CA PHE B 29 6.74 29.74 0.42
C PHE B 29 8.19 30.12 0.74
N ALA B 30 8.60 29.85 1.97
CA ALA B 30 9.90 30.32 2.46
C ALA B 30 11.04 29.80 1.59
N LEU B 31 11.01 28.52 1.22
CA LEU B 31 12.06 27.93 0.40
C LEU B 31 11.82 28.31 -1.05
N ASN B 32 12.59 29.29 -1.53
CA ASN B 32 12.38 29.80 -2.88
C ASN B 32 13.69 30.30 -3.46
N ILE B 33 13.70 30.49 -4.77
CA ILE B 33 14.81 31.08 -5.50
C ILE B 33 14.28 32.26 -6.30
N MET B 34 14.93 33.41 -6.18
CA MET B 34 14.65 34.55 -7.04
C MET B 34 15.89 34.84 -7.88
N GLY B 35 15.71 34.91 -9.19
CA GLY B 35 16.82 35.05 -10.10
C GLY B 35 16.48 35.92 -11.28
N TRP B 36 17.48 36.10 -12.15
CA TRP B 36 17.35 36.94 -13.33
C TRP B 36 17.75 36.12 -14.56
N TYR B 37 16.87 36.11 -15.56
CA TYR B 37 17.12 35.44 -16.83
C TYR B 37 17.12 36.45 -17.96
N ARG B 38 18.02 36.30 -18.92
CA ARG B 38 18.07 37.16 -20.07
C ARG B 38 17.98 36.33 -21.34
N GLN B 39 17.36 36.91 -22.37
CA GLN B 39 17.28 36.28 -23.69
C GLN B 39 17.87 37.22 -24.71
N ALA B 40 19.00 36.82 -25.29
CA ALA B 40 19.64 37.61 -26.33
C ALA B 40 18.86 37.45 -27.64
N PRO B 41 19.05 38.36 -28.59
CA PRO B 41 18.34 38.24 -29.88
C PRO B 41 18.76 36.97 -30.61
N GLY B 42 17.76 36.15 -30.94
CA GLY B 42 18.03 34.88 -31.60
C GLY B 42 18.81 33.90 -30.77
N LYS B 43 18.71 33.99 -29.44
CA LYS B 43 19.36 33.06 -28.53
C LYS B 43 18.34 32.60 -27.49
N GLN B 44 18.67 31.49 -26.84
CA GLN B 44 17.77 30.90 -25.86
C GLN B 44 17.88 31.60 -24.53
N ARG B 45 16.77 31.61 -23.78
CA ARG B 45 16.76 32.16 -22.43
C ARG B 45 17.75 31.41 -21.54
N GLU B 46 18.57 32.16 -20.82
CA GLU B 46 19.59 31.57 -19.96
C GLU B 46 19.52 32.21 -18.59
N LEU B 47 20.13 31.54 -17.61
CA LEU B 47 20.27 32.08 -16.27
C LEU B 47 21.41 33.09 -16.22
N VAL B 48 21.16 34.21 -15.56
CA VAL B 48 22.17 35.25 -15.32
C VAL B 48 22.65 35.21 -13.87
N ALA B 49 21.74 35.48 -12.93
CA ALA B 49 22.08 35.45 -11.52
C ALA B 49 20.85 34.99 -10.76
N ALA B 50 21.06 34.12 -9.78
CA ALA B 50 19.99 33.62 -8.94
C ALA B 50 20.44 33.68 -7.48
N ILE B 51 19.47 33.81 -6.58
CA ILE B 51 19.73 33.80 -5.14
C ILE B 51 18.68 32.92 -4.48
N HIS B 52 19.14 32.06 -3.58
CA HIS B 52 18.24 31.22 -2.81
C HIS B 52 17.74 31.97 -1.59
N SER B 53 16.61 31.51 -1.06
CA SER B 53 16.03 32.13 0.13
C SER B 53 17.01 32.15 1.29
N GLY B 54 17.87 31.16 1.38
CA GLY B 54 18.86 31.08 2.43
C GLY B 54 20.11 31.90 2.20
N GLY B 55 20.18 32.68 1.12
CA GLY B 55 21.33 33.51 0.84
C GLY B 55 22.30 32.93 -0.17
N THR B 56 22.22 31.64 -0.46
CA THR B 56 23.07 31.05 -1.46
C THR B 56 22.66 31.53 -2.85
N THR B 57 23.63 31.80 -3.70
CA THR B 57 23.40 32.44 -4.99
C THR B 57 23.80 31.50 -6.11
N ASN B 58 23.85 32.05 -7.34
CA ASN B 58 24.46 31.38 -8.47
C ASN B 58 24.58 32.38 -9.62
N TYR B 59 25.69 32.31 -10.34
CA TYR B 59 25.94 33.18 -11.48
C TYR B 59 26.37 32.34 -12.68
N ALA B 60 26.02 32.82 -13.87
CA ALA B 60 26.56 32.22 -15.07
C ALA B 60 28.04 32.55 -15.20
N ASN B 61 28.77 31.71 -15.95
CA ASN B 61 30.21 31.88 -16.07
C ASN B 61 30.57 33.19 -16.74
N SER B 62 29.76 33.62 -17.72
CA SER B 62 30.05 34.84 -18.45
C SER B 62 29.90 36.09 -17.60
N VAL B 63 29.14 36.03 -16.52
CA VAL B 63 28.84 37.20 -15.70
C VAL B 63 29.52 37.14 -14.34
N LYS B 64 30.26 36.07 -14.04
CA LYS B 64 30.96 35.98 -12.76
C LYS B 64 31.96 37.12 -12.61
N GLY B 65 32.02 37.66 -11.38
CA GLY B 65 32.89 38.79 -11.09
C GLY B 65 32.36 40.13 -11.54
N ARG B 66 31.37 40.17 -12.42
CA ARG B 66 30.82 41.42 -12.91
C ARG B 66 29.45 41.73 -12.35
N PHE B 67 28.56 40.73 -12.27
CA PHE B 67 27.21 40.95 -11.78
C PHE B 67 27.10 40.43 -10.35
N THR B 68 26.36 41.16 -9.52
CA THR B 68 26.19 40.83 -8.12
C THR B 68 24.71 40.89 -7.76
N ILE B 69 24.20 39.82 -7.16
CA ILE B 69 22.79 39.73 -6.77
C ILE B 69 22.70 39.94 -5.27
N SER B 70 21.74 40.77 -4.86
CA SER B 70 21.48 41.04 -3.45
C SER B 70 19.99 40.88 -3.20
N ARG B 71 19.65 40.73 -1.92
CA ARG B 71 18.27 40.49 -1.52
C ARG B 71 17.89 41.46 -0.42
N ASP B 72 16.64 41.91 -0.44
CA ASP B 72 16.12 42.67 0.68
C ASP B 72 16.09 41.78 1.92
N ASN B 73 16.28 42.41 3.08
CA ASN B 73 16.31 41.66 4.33
C ASN B 73 14.97 41.01 4.63
N ALA B 74 13.84 41.71 4.39
CA ALA B 74 12.55 41.13 4.74
C ALA B 74 11.39 41.44 3.79
N ALA B 75 11.63 42.00 2.61
CA ALA B 75 10.52 42.46 1.75
C ALA B 75 10.48 41.77 0.39
N ASN B 76 11.09 40.58 0.27
CA ASN B 76 11.02 39.79 -0.97
C ASN B 76 11.45 40.60 -2.19
N THR B 77 12.50 41.41 -2.01
CA THR B 77 13.00 42.28 -3.06
C THR B 77 14.44 41.88 -3.40
N VAL B 78 14.73 41.81 -4.70
CA VAL B 78 16.03 41.35 -5.19
C VAL B 78 16.63 42.42 -6.08
N TYR B 79 17.94 42.64 -5.93
CA TYR B 79 18.67 43.64 -6.68
C TYR B 79 19.75 42.95 -7.50
N LEU B 80 19.82 43.25 -8.79
CA LEU B 80 20.90 42.76 -9.64
C LEU B 80 21.84 43.91 -9.96
N GLN B 81 23.04 43.85 -9.39
CA GLN B 81 24.07 44.85 -9.62
C GLN B 81 24.93 44.41 -10.81
N MET B 82 24.79 45.09 -11.94
CA MET B 82 25.53 44.77 -13.14
C MET B 82 26.61 45.80 -13.36
N ASN B 83 27.87 45.38 -13.35
CA ASN B 83 29.01 46.25 -13.56
C ASN B 83 29.83 45.73 -14.73
N SER B 84 30.64 46.63 -15.31
CA SER B 84 31.49 46.30 -16.45
C SER B 84 30.67 45.69 -17.58
N LEU B 85 29.56 46.35 -17.92
CA LEU B 85 28.64 45.82 -18.91
C LEU B 85 29.28 45.73 -20.29
N LYS B 86 29.14 44.56 -20.91
CA LYS B 86 29.64 44.25 -22.24
C LYS B 86 28.51 44.37 -23.26
N PRO B 87 28.83 44.61 -24.53
CA PRO B 87 27.77 44.57 -25.56
C PRO B 87 27.11 43.21 -25.71
N GLU B 88 27.80 42.13 -25.29
CA GLU B 88 27.18 40.81 -25.27
C GLU B 88 26.10 40.68 -24.21
N ASP B 89 26.10 41.55 -23.19
CA ASP B 89 25.12 41.49 -22.11
C ASP B 89 23.80 42.16 -22.48
N THR B 90 23.57 42.40 -23.77
CA THR B 90 22.38 43.12 -24.23
C THR B 90 21.23 42.12 -24.42
N ALA B 91 20.28 42.12 -23.50
CA ALA B 91 19.15 41.21 -23.56
C ALA B 91 18.02 41.76 -22.67
N VAL B 92 17.01 40.94 -22.42
CA VAL B 92 15.87 41.32 -21.60
C VAL B 92 15.87 40.46 -20.35
N TYR B 93 15.98 41.11 -19.19
CA TYR B 93 16.16 40.42 -17.92
C TYR B 93 14.80 40.23 -17.25
N TYR B 94 14.48 38.96 -16.96
CA TYR B 94 13.20 38.58 -16.39
C TYR B 94 13.39 38.25 -14.92
N CYS B 95 12.56 38.85 -14.07
CA CYS B 95 12.51 38.43 -12.67
C CYS B 95 11.87 37.05 -12.58
N ASN B 96 12.55 36.14 -11.88
CA ASN B 96 12.02 34.81 -11.64
C ASN B 96 11.82 34.59 -10.14
N VAL B 97 10.87 33.73 -9.83
CA VAL B 97 10.71 33.17 -8.48
C VAL B 97 10.51 31.67 -8.65
N LYS B 98 11.46 30.87 -8.16
CA LYS B 98 11.32 29.43 -8.08
C LYS B 98 10.65 29.11 -6.75
N ASP B 99 9.53 28.40 -6.79
CA ASP B 99 8.74 28.15 -5.58
C ASP B 99 8.71 26.67 -5.27
N PHE B 100 8.98 26.33 -4.01
CA PHE B 100 9.06 24.96 -3.53
C PHE B 100 7.85 24.59 -2.67
N GLY B 101 6.75 25.33 -2.79
CA GLY B 101 5.58 25.06 -1.96
C GLY B 101 5.04 23.66 -2.15
N ALA B 102 4.91 23.24 -3.41
CA ALA B 102 4.67 21.84 -3.72
C ALA B 102 6.01 21.13 -3.73
N ILE B 103 6.18 20.17 -2.81
CA ILE B 103 7.53 19.69 -2.48
C ILE B 103 8.18 19.02 -3.68
N ILE B 104 7.40 18.29 -4.48
CA ILE B 104 8.00 17.42 -5.49
C ILE B 104 8.52 18.22 -6.68
N TYR B 105 7.83 19.29 -7.06
CA TYR B 105 8.17 20.04 -8.26
C TYR B 105 8.30 21.52 -7.94
N ASP B 106 9.35 22.15 -8.49
CA ASP B 106 9.50 23.59 -8.37
C ASP B 106 8.55 24.31 -9.34
N TYR B 107 7.93 25.37 -8.85
CA TYR B 107 6.88 26.08 -9.57
C TYR B 107 7.32 27.53 -9.79
N ASP B 108 7.45 27.92 -11.05
CA ASP B 108 8.07 29.19 -11.41
C ASP B 108 7.05 30.32 -11.44
N TYR B 109 7.51 31.51 -11.07
CA TYR B 109 6.81 32.75 -11.39
C TYR B 109 7.73 33.63 -12.23
N TRP B 110 7.13 34.40 -13.13
CA TRP B 110 7.89 35.17 -14.09
C TRP B 110 7.50 36.64 -14.03
N GLY B 111 8.50 37.50 -14.26
CA GLY B 111 8.32 38.93 -14.20
C GLY B 111 7.91 39.53 -15.53
N GLN B 112 7.76 40.84 -15.52
CA GLN B 112 7.26 41.54 -16.70
C GLN B 112 8.29 41.57 -17.83
N GLY B 113 9.48 42.07 -17.54
CA GLY B 113 10.51 42.18 -18.56
C GLY B 113 11.06 43.60 -18.66
N THR B 114 12.38 43.72 -18.77
CA THR B 114 13.07 45.00 -18.88
C THR B 114 14.21 44.89 -19.87
N GLN B 115 14.37 45.93 -20.69
CA GLN B 115 15.37 45.96 -21.76
C GLN B 115 16.67 46.56 -21.25
N VAL B 116 17.78 45.85 -21.48
CA VAL B 116 19.12 46.37 -21.22
C VAL B 116 19.84 46.51 -22.55
N THR B 117 20.39 47.69 -22.79
CA THR B 117 21.11 47.99 -24.03
C THR B 117 22.50 48.48 -23.68
N VAL B 118 23.51 47.79 -24.21
CA VAL B 118 24.90 48.21 -24.09
C VAL B 118 25.39 48.64 -25.47
N SER B 119 25.95 49.84 -25.55
CA SER B 119 26.36 50.43 -26.82
C SER B 119 27.88 50.29 -26.99
N SER B 120 28.29 49.56 -28.01
CA SER B 120 29.69 49.37 -28.31
C SER B 120 30.30 50.66 -28.86
CAA P0G C . 2.22 -14.95 -0.64
CAB P0G C . 4.65 -12.09 -0.57
CAC P0G C . 3.46 -11.91 1.64
OAD P0G C . 8.61 -10.02 5.81
OAE P0G C . 10.33 -6.81 2.47
OAF P0G C . 4.25 -7.13 0.08
CAG P0G C . -0.67 -14.32 1.81
CAH P0G C . -0.71 -12.92 1.85
CAI P0G C . 0.28 -14.98 1.00
CAJ P0G C . 0.19 -12.16 1.10
CAK P0G C . 8.34 -6.41 1.03
CAL P0G C . 6.97 -6.73 0.68
CAM P0G C . 6.61 -9.74 4.57
CAN P0G C . 4.83 -9.50 0.42
CAO P0G C . 2.16 -11.99 -0.57
NAP P0G C . 3.45 -9.98 0.06
NAQ P0G C . 8.93 -8.79 3.92
OAR P0G C . 6.16 -9.47 3.26
CAS P0G C . 8.13 -9.63 4.75
CAT P0G C . 1.18 -14.23 0.24
CAU P0G C . 8.99 -7.11 2.12
CAV P0G C . 1.15 -12.81 0.29
CAW P0G C . 6.28 -7.70 1.41
CAX P0G C . 8.29 -8.10 2.85
CAY P0G C . 6.93 -8.41 2.50
CAZ P0G C . 4.81 -8.04 1.03
CBA P0G C . 3.42 -11.49 0.14
C10 1WV D . -8.89 -7.34 0.15
C13 1WV D . -8.75 -10.67 1.22
C17 1WV D . -9.82 -13.60 3.15
C20 1WV D . -11.33 -15.17 4.36
C07 1WV D . -8.68 -3.69 -1.04
C08 1WV D . -9.35 -5.05 -0.84
C09 1WV D . -8.34 -6.17 -0.67
C11 1WV D . -7.85 -8.42 0.40
C12 1WV D . -8.19 -9.29 1.61
C14 1WV D . -8.80 -11.62 2.40
O15 1WV D . -9.11 -10.90 3.56
O16 1WV D . -9.79 -12.59 2.19
C18 1WV D . -11.20 -14.24 3.16
O19 1WV D . -11.38 -14.98 1.98
O21 1WV D . -12.56 -14.92 4.99
C1 KBY E . 26.92 15.07 -1.12
C2 KBY E . 20.70 11.01 -3.14
C3 KBY E . 26.68 14.15 -2.13
C4 KBY E . 25.37 13.77 -2.44
C5 KBY E . 23.28 11.95 -3.53
C6 KBY E . 26.61 18.64 -0.92
C7 KBY E . 24.52 18.84 0.37
C8 KBY E . 23.91 18.74 -1.04
C9 KBY E . 24.36 20.26 0.94
C10 KBY E . 22.28 12.30 -4.42
C11 KBY E . 20.98 11.83 -4.22
N1 KBY E . 25.95 18.46 0.37
C12 KBY E . 25.85 15.63 -0.41
C13 KBY E . 24.31 14.32 -1.74
C14 KBY E . 21.71 10.66 -2.25
C15 KBY E . 23.00 11.14 -2.45
C16 KBY E . 18.42 11.44 -3.40
C17 KBY E . 27.94 13.59 -2.88
C19 KBY E . 24.55 15.25 -0.73
O1 KBY E . 27.56 16.66 1.46
O2 KBY E . 25.29 16.59 2.12
O3 KBY E . 19.40 10.54 -2.94
O4 KBY E . 27.87 13.14 -3.98
S1 KBY E . 26.18 16.85 0.93
S2 KBY E . 24.99 12.56 -3.77
N2 KBY E . 29.25 13.66 -2.18
C18 KBY E . 30.44 13.14 -2.88
C20 KBY E . 30.75 11.74 -2.36
C21 KBY E . 31.58 14.13 -2.63
C22 KBY E . 29.69 10.74 -2.90
C23 KBY E . 28.65 10.33 -2.09
C24 KBY E . 27.70 9.42 -2.58
C25 KBY E . 27.81 8.94 -3.88
C26 KBY E . 28.86 9.35 -4.69
C27 KBY E . 29.80 10.26 -4.20
C28 KBY E . 26.76 7.93 -4.43
C29 KBY E . 26.31 6.99 -3.31
C30 KBY E . 27.37 7.11 -5.57
C31 KBY E . 25.54 8.71 -4.96
C32 KBY E . 31.53 15.46 -3.40
O5 KBY E . 31.70 15.46 -4.57
N3 KBY E . 31.27 16.72 -2.71
C33 KBY E . 31.05 16.77 -1.28
C34 KBY E . 30.67 18.19 -0.85
O6 KBY E . 30.55 18.49 0.37
O7 KBY E . 30.47 19.08 -1.73
#